data_5QQH
#
_entry.id   5QQH
#
_cell.length_a   62.659
_cell.length_b   62.659
_cell.length_c   342.820
_cell.angle_alpha   90.000
_cell.angle_beta   90.000
_cell.angle_gamma   120.000
#
_symmetry.space_group_name_H-M   'P 65 2 2'
#
loop_
_entity.id
_entity.type
_entity.pdbx_description
1 polymer 'Ras-related C3 botulinum toxin substrate 1'
2 polymer Kalirin
3 non-polymer 1,2-ETHANEDIOL
4 non-polymer N-methyl-5-({[(5-methyl-1,2-oxazol-3-yl)carbamoyl]amino}methyl)thiophene-2-sulfonamide
5 water water
#
loop_
_entity_poly.entity_id
_entity_poly.type
_entity_poly.pdbx_seq_one_letter_code
_entity_poly.pdbx_strand_id
1 'polypeptide(L)'
;SMQAIKCVVVGDGAVGKTCLLISYTTNAFPGEYIPTVFDNYSANVMVDGKPVNLGLWDTAGQEDYDRLRPLSYPQTDVFL
ICFSLVSPASFENVRAKWYPEVRHHCPNTPIILVGTKLDLRDDKDTIEKLKEKKLTPITYPQGLAMAKEIGAVKYLECSA
LTQRGLKTVFDEAIRAVL
;
A
2 'polypeptide(L)'
;SMRKKEFIMAELLQTEKAYVRDLHECLETYLWEMTSGVEEIPPGILNKEHIIFGNIQEIYDFHNNIFLKELEKYEQLPED
VGHCFVTWADKFQMYVTYCKNKPDSNQLILEHAGTFFDEIQQRHGLANSISSYLIKPVQRVTKYQLLLKELLTCCEEGKG
ELKDGLEVMLSVPKKANDAMHV
;
B
#
# COMPACT_ATOMS: atom_id res chain seq x y z
N MET A 2 -23.62 -6.75 -5.44
CA MET A 2 -23.11 -5.36 -5.72
C MET A 2 -21.63 -5.40 -6.15
N GLN A 3 -21.29 -4.67 -7.22
CA GLN A 3 -19.96 -4.80 -7.84
C GLN A 3 -18.81 -4.32 -6.94
N ALA A 4 -17.79 -5.17 -6.84
CA ALA A 4 -16.59 -4.93 -6.04
C ALA A 4 -15.53 -4.42 -6.99
N ILE A 5 -14.79 -3.39 -6.58
CA ILE A 5 -13.70 -2.85 -7.43
C ILE A 5 -12.38 -2.71 -6.66
N LYS A 6 -11.35 -3.43 -7.10
CA LYS A 6 -10.03 -3.27 -6.58
C LYS A 6 -9.30 -2.19 -7.39
N CYS A 7 -8.96 -1.07 -6.74
CA CYS A 7 -8.12 0.02 -7.35
C CYS A 7 -6.80 0.17 -6.61
N VAL A 8 -5.70 -0.05 -7.32
CA VAL A 8 -4.36 0.11 -6.78
C VAL A 8 -3.78 1.44 -7.20
N VAL A 9 -3.11 2.14 -6.25
CA VAL A 9 -2.45 3.45 -6.49
C VAL A 9 -0.96 3.28 -6.52
N VAL A 10 -0.38 3.59 -7.68
CA VAL A 10 1.05 3.45 -7.92
C VAL A 10 1.68 4.76 -8.32
N GLY A 11 3.01 4.82 -8.26
CA GLY A 11 3.80 6.04 -8.63
C GLY A 11 4.86 6.38 -7.60
N ASP A 12 5.75 7.34 -7.91
CA ASP A 12 6.84 7.69 -7.01
C ASP A 12 6.40 8.20 -5.61
N GLY A 13 7.31 8.13 -4.65
CA GLY A 13 7.11 8.76 -3.36
C GLY A 13 6.66 10.23 -3.44
N ALA A 14 7.27 11.02 -4.32
CA ALA A 14 6.85 12.40 -4.55
C ALA A 14 5.37 12.65 -4.91
N VAL A 15 4.61 11.65 -5.36
CA VAL A 15 3.20 11.91 -5.67
C VAL A 15 2.34 12.23 -4.45
N GLY A 16 2.70 11.67 -3.28
CA GLY A 16 1.86 11.79 -2.08
C GLY A 16 0.67 10.85 -2.08
N LYS A 17 0.97 9.60 -2.46
CA LYS A 17 -0.06 8.55 -2.65
C LYS A 17 -0.89 8.44 -1.41
N THR A 18 -0.18 8.35 -0.26
CA THR A 18 -0.87 8.16 0.98
C THR A 18 -1.76 9.32 1.34
N CYS A 19 -1.23 10.51 1.23
CA CYS A 19 -2.02 11.73 1.46
C CYS A 19 -3.24 11.86 0.54
N LEU A 20 -3.05 11.56 -0.76
CA LEU A 20 -4.16 11.48 -1.71
C LEU A 20 -5.33 10.65 -1.20
N LEU A 21 -5.01 9.43 -0.78
CA LEU A 21 -6.02 8.44 -0.43
C LEU A 21 -6.67 8.84 0.85
N ILE A 22 -5.87 9.38 1.77
CA ILE A 22 -6.42 9.83 3.04
C ILE A 22 -7.32 10.99 2.83
N SER A 23 -6.83 11.97 2.09
CA SER A 23 -7.68 13.16 1.80
C SER A 23 -8.97 12.80 1.11
N TYR A 24 -8.90 11.87 0.18
CA TYR A 24 -10.11 11.43 -0.48
C TYR A 24 -11.08 10.74 0.46
N THR A 25 -10.61 9.76 1.24
CA THR A 25 -11.53 8.94 2.02
C THR A 25 -12.10 9.66 3.25
N THR A 26 -11.33 10.57 3.80
CA THR A 26 -11.79 11.37 4.93
C THR A 26 -12.45 12.70 4.51
N ASN A 27 -12.43 13.06 3.23
CA ASN A 27 -12.88 14.40 2.75
C ASN A 27 -12.14 15.59 3.35
N ALA A 28 -10.86 15.42 3.64
CA ALA A 28 -10.04 16.47 4.24
C ALA A 28 -8.54 16.16 4.10
N PHE A 29 -7.75 17.15 3.68
CA PHE A 29 -6.31 17.12 3.76
C PHE A 29 -5.99 16.91 5.25
N PRO A 30 -5.04 16.02 5.56
CA PRO A 30 -4.80 15.72 7.02
C PRO A 30 -4.00 16.81 7.77
N GLY A 31 -3.26 17.65 7.05
CA GLY A 31 -2.81 18.97 7.51
C GLY A 31 -1.86 18.97 8.67
N GLU A 32 -2.42 18.85 9.87
CA GLU A 32 -1.64 18.67 11.10
C GLU A 32 -0.46 17.67 10.82
N TYR A 33 -0.79 16.41 10.56
CA TYR A 33 0.24 15.38 10.46
C TYR A 33 -0.11 14.55 9.26
N ILE A 34 0.80 14.29 8.34
CA ILE A 34 0.47 13.41 7.23
C ILE A 34 0.80 11.94 7.59
N PRO A 35 -0.22 11.11 7.89
CA PRO A 35 0.06 9.70 8.26
C PRO A 35 0.81 8.95 7.17
N THR A 36 1.70 8.03 7.57
CA THR A 36 2.37 7.26 6.58
C THR A 36 1.56 6.02 6.19
N VAL A 37 0.49 5.71 6.92
CA VAL A 37 -0.15 4.47 6.70
C VAL A 37 -1.59 4.70 6.31
N PHE A 38 -1.93 4.17 5.15
CA PHE A 38 -3.27 3.99 4.69
C PHE A 38 -3.49 2.47 4.44
N ASP A 39 -4.35 1.88 5.26
CA ASP A 39 -4.64 0.45 5.17
C ASP A 39 -5.75 0.23 4.13
N ASN A 40 -5.72 -0.94 3.50
CA ASN A 40 -6.67 -1.33 2.43
C ASN A 40 -8.04 -1.00 2.87
N TYR A 41 -8.77 -0.36 1.96
CA TYR A 41 -9.95 0.37 2.33
C TYR A 41 -11.09 -0.10 1.40
N SER A 42 -12.30 -0.14 1.89
CA SER A 42 -13.41 -0.27 0.95
C SER A 42 -14.64 0.52 1.43
N ALA A 43 -15.39 1.03 0.47
CA ALA A 43 -16.63 1.73 0.78
C ALA A 43 -17.54 1.68 -0.40
N ASN A 44 -18.84 1.80 -0.10
CA ASN A 44 -19.90 1.98 -1.07
C ASN A 44 -19.91 3.41 -1.54
N VAL A 45 -19.83 3.59 -2.86
CA VAL A 45 -20.16 4.83 -3.54
C VAL A 45 -21.11 4.56 -4.72
N MET A 46 -22.03 5.48 -4.98
CA MET A 46 -22.89 5.40 -6.19
C MET A 46 -22.23 6.29 -7.24
N VAL A 47 -22.15 5.74 -8.44
CA VAL A 47 -21.62 6.42 -9.59
C VAL A 47 -22.57 6.16 -10.76
N ASP A 48 -23.06 7.26 -11.36
CA ASP A 48 -24.03 7.22 -12.47
C ASP A 48 -25.18 6.28 -12.09
N GLY A 49 -25.74 6.51 -10.90
CA GLY A 49 -26.79 5.65 -10.35
C GLY A 49 -26.24 4.42 -9.67
N LYS A 50 -25.74 3.48 -10.49
CA LYS A 50 -25.19 2.19 -10.06
C LYS A 50 -24.34 2.27 -8.78
N PRO A 51 -24.84 1.73 -7.64
CA PRO A 51 -23.99 1.66 -6.44
C PRO A 51 -22.86 0.62 -6.56
N VAL A 52 -21.69 0.92 -5.96
CA VAL A 52 -20.44 0.15 -6.17
C VAL A 52 -19.59 0.06 -4.89
N ASN A 53 -18.82 -1.00 -4.75
CA ASN A 53 -17.92 -1.16 -3.63
C ASN A 53 -16.52 -0.92 -4.10
N LEU A 54 -15.97 0.20 -3.65
CA LEU A 54 -14.70 0.66 -4.16
C LEU A 54 -13.65 0.24 -3.16
N GLY A 55 -12.65 -0.51 -3.64
CA GLY A 55 -11.53 -0.94 -2.83
C GLY A 55 -10.29 -0.17 -3.26
N LEU A 56 -9.57 0.38 -2.27
CA LEU A 56 -8.35 1.18 -2.44
C LEU A 56 -7.16 0.57 -1.70
N TRP A 57 -6.10 0.28 -2.43
CA TRP A 57 -4.85 -0.09 -1.90
C TRP A 57 -3.73 0.92 -2.23
N ASP A 58 -3.02 1.32 -1.16
CA ASP A 58 -1.81 2.08 -1.22
C ASP A 58 -0.66 1.17 -1.50
N THR A 59 0.42 1.74 -1.97
CA THR A 59 1.69 1.04 -2.20
C THR A 59 2.90 1.81 -1.69
N ALA A 60 2.67 2.86 -0.88
CA ALA A 60 3.77 3.62 -0.34
C ALA A 60 4.68 2.69 0.47
N GLY A 61 5.98 2.88 0.33
CA GLY A 61 6.96 2.04 1.04
C GLY A 61 7.52 0.99 0.11
N GLN A 62 6.85 0.70 -1.00
CA GLN A 62 7.35 -0.38 -1.90
C GLN A 62 8.11 0.13 -3.10
N GLU A 63 8.42 1.43 -3.09
CA GLU A 63 8.98 2.11 -4.23
C GLU A 63 10.35 1.56 -4.58
N ASP A 64 11.09 0.96 -3.64
CA ASP A 64 12.37 0.41 -4.03
C ASP A 64 12.38 -1.12 -4.19
N TYR A 65 11.24 -1.78 -4.10
CA TYR A 65 11.25 -3.24 -4.07
C TYR A 65 10.51 -3.72 -5.32
N ASP A 66 11.29 -3.80 -6.39
CA ASP A 66 10.73 -4.04 -7.71
C ASP A 66 9.98 -5.37 -7.82
N ARG A 67 10.39 -6.40 -7.07
CA ARG A 67 9.66 -7.71 -7.01
C ARG A 67 8.53 -7.85 -6.01
N LEU A 68 8.51 -7.02 -4.97
CA LEU A 68 7.40 -7.01 -4.04
C LEU A 68 6.23 -6.25 -4.58
N ARG A 69 6.48 -5.18 -5.32
CA ARG A 69 5.34 -4.36 -5.81
C ARG A 69 4.31 -5.12 -6.63
N PRO A 70 4.76 -6.03 -7.51
CA PRO A 70 3.80 -6.75 -8.30
C PRO A 70 2.94 -7.73 -7.53
N LEU A 71 3.27 -8.03 -6.26
CA LEU A 71 2.40 -8.87 -5.42
C LEU A 71 1.05 -8.29 -5.27
N SER A 72 0.95 -6.95 -5.30
CA SER A 72 -0.37 -6.29 -5.26
C SER A 72 -1.11 -6.26 -6.63
N TYR A 73 -0.45 -6.54 -7.75
CA TYR A 73 -1.12 -6.26 -9.02
C TYR A 73 -2.24 -7.23 -9.47
N PRO A 74 -2.07 -8.55 -9.23
CA PRO A 74 -3.09 -9.45 -9.80
C PRO A 74 -4.53 -9.14 -9.35
N GLN A 75 -5.45 -9.28 -10.30
CA GLN A 75 -6.87 -9.06 -10.09
C GLN A 75 -7.29 -7.63 -9.78
N THR A 76 -6.41 -6.69 -10.04
CA THR A 76 -6.77 -5.29 -9.96
C THR A 76 -7.74 -4.99 -11.08
N ASP A 77 -8.82 -4.29 -10.78
CA ASP A 77 -9.75 -3.78 -11.79
C ASP A 77 -9.32 -2.46 -12.50
N VAL A 78 -8.63 -1.59 -11.77
CA VAL A 78 -8.18 -0.29 -12.34
C VAL A 78 -6.97 0.25 -11.57
N PHE A 79 -5.99 0.76 -12.31
CA PHE A 79 -4.88 1.43 -11.70
C PHE A 79 -5.00 2.93 -11.78
N LEU A 80 -4.59 3.62 -10.72
CA LEU A 80 -4.19 4.99 -10.82
C LEU A 80 -2.69 4.99 -10.91
N ILE A 81 -2.15 5.42 -12.06
CA ILE A 81 -0.74 5.74 -12.16
C ILE A 81 -0.52 7.23 -11.92
N CYS A 82 0.23 7.57 -10.85
CA CYS A 82 0.34 8.95 -10.41
C CYS A 82 1.74 9.52 -10.58
N PHE A 83 1.78 10.84 -10.76
CA PHE A 83 3.04 11.63 -10.70
C PHE A 83 2.67 12.95 -10.08
N SER A 84 3.66 13.67 -9.62
CA SER A 84 3.40 14.96 -9.03
C SER A 84 3.61 15.95 -10.15
N LEU A 85 2.69 16.89 -10.27
CA LEU A 85 2.77 17.98 -11.29
C LEU A 85 3.98 18.88 -11.11
N VAL A 86 4.55 18.90 -9.90
CA VAL A 86 5.72 19.70 -9.69
C VAL A 86 6.96 18.84 -9.48
N SER A 87 6.96 17.61 -10.01
CA SER A 87 8.18 16.76 -10.08
C SER A 87 8.26 16.14 -11.45
N PRO A 88 9.05 16.75 -12.32
CA PRO A 88 9.33 16.17 -13.60
C PRO A 88 9.90 14.75 -13.52
N ALA A 89 10.73 14.47 -12.52
CA ALA A 89 11.33 13.14 -12.39
C ALA A 89 10.22 12.07 -12.18
N SER A 90 9.21 12.37 -11.35
CA SER A 90 8.07 11.46 -11.16
C SER A 90 7.26 11.27 -12.43
N PHE A 91 7.14 12.34 -13.20
CA PHE A 91 6.43 12.28 -14.48
C PHE A 91 7.17 11.35 -15.40
N GLU A 92 8.46 11.54 -15.56
CA GLU A 92 9.21 10.68 -16.45
C GLU A 92 9.16 9.20 -16.00
N ASN A 93 9.00 8.97 -14.69
CA ASN A 93 8.93 7.62 -14.17
C ASN A 93 7.63 6.95 -14.51
N VAL A 94 6.61 7.71 -14.89
CA VAL A 94 5.37 7.08 -15.39
C VAL A 94 5.75 6.15 -16.55
N ARG A 95 6.67 6.65 -17.37
CA ARG A 95 7.08 6.01 -18.59
C ARG A 95 8.22 5.03 -18.35
N ALA A 96 9.16 5.41 -17.50
CA ALA A 96 10.33 4.57 -17.26
C ALA A 96 10.03 3.41 -16.36
N LYS A 97 9.05 3.55 -15.46
CA LYS A 97 8.95 2.60 -14.33
C LYS A 97 7.57 2.05 -14.14
N TRP A 98 6.56 2.92 -13.99
CA TRP A 98 5.23 2.47 -13.61
C TRP A 98 4.41 1.78 -14.68
N TYR A 99 4.36 2.40 -15.85
CA TYR A 99 3.61 1.82 -16.94
C TYR A 99 4.17 0.45 -17.36
N PRO A 100 5.50 0.31 -17.58
CA PRO A 100 6.02 -1.00 -17.98
C PRO A 100 5.61 -2.16 -17.07
N GLU A 101 5.73 -1.96 -15.75
CA GLU A 101 5.45 -3.05 -14.83
C GLU A 101 3.98 -3.31 -14.70
N VAL A 102 3.17 -2.25 -14.70
CA VAL A 102 1.73 -2.45 -14.63
C VAL A 102 1.26 -3.19 -15.87
N ARG A 103 1.82 -2.85 -17.03
CA ARG A 103 1.41 -3.50 -18.26
C ARG A 103 1.89 -4.90 -18.32
N HIS A 104 3.12 -5.11 -17.89
CA HIS A 104 3.68 -6.42 -17.91
C HIS A 104 2.83 -7.39 -17.11
N HIS A 105 2.31 -6.97 -15.96
CA HIS A 105 1.55 -7.85 -15.07
C HIS A 105 0.11 -7.79 -15.38
N CYS A 106 -0.38 -6.69 -15.89
CA CYS A 106 -1.81 -6.59 -16.04
C CYS A 106 -2.15 -6.00 -17.39
N PRO A 107 -2.07 -6.83 -18.44
CA PRO A 107 -2.06 -6.18 -19.76
C PRO A 107 -3.37 -5.53 -20.17
N ASN A 108 -4.50 -6.03 -19.70
CA ASN A 108 -5.79 -5.48 -20.11
C ASN A 108 -6.51 -4.64 -19.05
N THR A 109 -5.79 -4.02 -18.14
CA THR A 109 -6.46 -3.36 -17.03
C THR A 109 -6.39 -1.88 -17.29
N PRO A 110 -7.49 -1.20 -17.14
CA PRO A 110 -7.47 0.25 -17.37
C PRO A 110 -6.59 1.04 -16.37
N ILE A 111 -5.95 2.08 -16.91
CA ILE A 111 -5.10 3.00 -16.20
C ILE A 111 -5.72 4.39 -16.32
N ILE A 112 -5.87 5.03 -15.19
CA ILE A 112 -6.06 6.47 -15.11
C ILE A 112 -4.74 7.16 -14.80
N LEU A 113 -4.37 8.15 -15.61
CA LEU A 113 -3.14 8.93 -15.33
C LEU A 113 -3.49 10.12 -14.44
N VAL A 114 -2.87 10.21 -13.28
CA VAL A 114 -3.24 11.25 -12.29
C VAL A 114 -2.04 12.16 -11.99
N GLY A 115 -2.15 13.47 -12.23
CA GLY A 115 -1.07 14.42 -11.80
C GLY A 115 -1.55 14.97 -10.47
N THR A 116 -0.76 14.82 -9.40
CA THR A 116 -1.13 15.32 -8.04
C THR A 116 -0.39 16.62 -7.80
N LYS A 117 -0.69 17.25 -6.67
CA LYS A 117 -0.12 18.51 -6.24
C LYS A 117 -0.41 19.68 -7.20
N LEU A 118 -1.61 19.66 -7.73
CA LEU A 118 -2.09 20.73 -8.63
C LEU A 118 -1.94 22.08 -7.95
N ASP A 119 -2.18 22.14 -6.63
CA ASP A 119 -2.00 23.36 -5.81
C ASP A 119 -0.60 23.94 -5.86
N LEU A 120 0.42 23.16 -6.17
CA LEU A 120 1.79 23.67 -6.23
C LEU A 120 2.23 24.16 -7.63
N ARG A 121 1.48 23.85 -8.68
CA ARG A 121 1.95 24.18 -10.03
C ARG A 121 2.13 25.68 -10.24
N ASP A 122 1.31 26.48 -9.53
CA ASP A 122 1.36 27.96 -9.56
C ASP A 122 1.98 28.57 -8.31
N ASP A 123 2.81 27.85 -7.59
CA ASP A 123 3.32 28.33 -6.31
C ASP A 123 4.71 28.85 -6.55
N LYS A 124 4.95 30.16 -6.28
CA LYS A 124 6.23 30.84 -6.62
C LYS A 124 7.50 30.11 -6.10
N ASP A 125 7.48 29.75 -4.83
CA ASP A 125 8.58 29.01 -4.20
C ASP A 125 8.86 27.66 -4.88
N THR A 126 7.81 26.85 -5.08
CA THR A 126 7.95 25.62 -5.86
C THR A 126 8.53 25.88 -7.29
N ILE A 127 7.95 26.88 -7.96
CA ILE A 127 8.40 27.23 -9.31
C ILE A 127 9.88 27.62 -9.35
N GLU A 128 10.25 28.53 -8.44
CA GLU A 128 11.66 28.97 -8.35
C GLU A 128 12.55 27.81 -7.94
N LYS A 129 12.11 26.94 -7.02
CA LYS A 129 12.96 25.79 -6.65
C LYS A 129 13.24 24.93 -7.89
N LEU A 130 12.23 24.74 -8.72
CA LEU A 130 12.39 24.04 -10.00
C LEU A 130 13.27 24.82 -11.04
N LYS A 131 13.06 26.13 -11.15
CA LYS A 131 13.85 26.95 -12.11
C LYS A 131 15.34 26.87 -11.79
N GLU A 132 15.70 26.84 -10.51
CA GLU A 132 17.10 26.63 -10.07
C GLU A 132 17.69 25.27 -10.47
N LYS A 133 16.87 24.32 -10.93
CA LYS A 133 17.37 23.04 -11.46
C LYS A 133 17.17 22.95 -12.99
N LYS A 134 16.81 24.07 -13.63
CA LYS A 134 16.50 24.12 -15.05
C LYS A 134 15.30 23.20 -15.39
N LEU A 135 14.25 23.28 -14.56
CA LEU A 135 12.98 22.54 -14.75
C LEU A 135 11.78 23.47 -14.61
N THR A 136 10.60 22.96 -15.01
CA THR A 136 9.32 23.65 -14.78
C THR A 136 8.25 22.62 -14.37
N PRO A 137 7.14 23.08 -13.82
CA PRO A 137 6.08 22.15 -13.56
C PRO A 137 5.59 21.51 -14.85
N ILE A 138 4.79 20.48 -14.67
CA ILE A 138 4.26 19.66 -15.74
C ILE A 138 2.94 20.29 -16.04
N THR A 139 2.74 20.61 -17.32
CA THR A 139 1.48 21.23 -17.78
C THR A 139 0.55 20.23 -18.43
N TYR A 140 -0.70 20.65 -18.55
CA TYR A 140 -1.77 19.88 -19.01
C TYR A 140 -1.52 19.10 -20.33
N PRO A 141 -1.02 19.78 -21.38
CA PRO A 141 -0.78 19.01 -22.61
C PRO A 141 0.30 17.96 -22.45
N GLN A 142 1.24 18.17 -21.52
CA GLN A 142 2.24 17.13 -21.23
C GLN A 142 1.60 15.80 -20.67
N GLY A 143 0.63 15.97 -19.75
CA GLY A 143 -0.11 14.87 -19.19
C GLY A 143 -0.98 14.16 -20.20
N LEU A 144 -1.68 14.92 -21.03
CA LEU A 144 -2.42 14.35 -22.15
C LEU A 144 -1.54 13.55 -23.07
N ALA A 145 -0.39 14.08 -23.44
CA ALA A 145 0.49 13.32 -24.32
C ALA A 145 0.99 12.02 -23.64
N MET A 146 1.31 12.09 -22.34
CA MET A 146 1.71 10.87 -21.63
C MET A 146 0.57 9.86 -21.55
N ALA A 147 -0.63 10.35 -21.20
CA ALA A 147 -1.80 9.49 -21.11
C ALA A 147 -1.95 8.73 -22.43
N LYS A 148 -1.91 9.46 -23.54
CA LYS A 148 -2.03 8.83 -24.86
C LYS A 148 -0.95 7.79 -25.03
N GLU A 149 0.30 8.13 -24.79
CA GLU A 149 1.38 7.15 -24.95
C GLU A 149 1.24 5.85 -24.15
N ILE A 150 0.60 5.88 -22.97
CA ILE A 150 0.52 4.67 -22.11
C ILE A 150 -0.80 3.93 -22.26
N GLY A 151 -1.74 4.49 -23.01
CA GLY A 151 -3.04 3.89 -23.16
C GLY A 151 -3.98 4.28 -22.03
N ALA A 152 -3.72 5.40 -21.37
CA ALA A 152 -4.50 5.72 -20.21
C ALA A 152 -5.85 6.07 -20.71
N VAL A 153 -6.87 5.69 -20.00
CA VAL A 153 -8.20 6.01 -20.49
C VAL A 153 -8.55 7.44 -20.19
N LYS A 154 -7.97 8.03 -19.16
CA LYS A 154 -8.15 9.47 -18.83
C LYS A 154 -6.88 10.04 -18.26
N TYR A 155 -6.60 11.30 -18.54
CA TYR A 155 -5.60 12.07 -17.77
C TYR A 155 -6.38 13.02 -16.89
N LEU A 156 -6.08 13.01 -15.59
CA LEU A 156 -6.78 13.88 -14.58
C LEU A 156 -5.76 14.53 -13.61
N GLU A 157 -6.03 15.77 -13.21
CA GLU A 157 -5.17 16.54 -12.36
C GLU A 157 -5.96 16.80 -11.06
N CYS A 158 -5.28 16.70 -9.91
CA CYS A 158 -5.94 16.94 -8.62
C CYS A 158 -4.99 17.47 -7.55
N SER A 159 -5.59 18.06 -6.51
CA SER A 159 -4.96 18.37 -5.25
C SER A 159 -5.64 17.68 -4.07
N ALA A 160 -4.85 16.91 -3.30
CA ALA A 160 -5.28 16.47 -1.97
C ALA A 160 -5.54 17.68 -1.06
N LEU A 161 -4.66 18.69 -1.13
CA LEU A 161 -4.78 19.95 -0.33
C LEU A 161 -6.13 20.67 -0.46
N THR A 162 -6.45 21.09 -1.68
CA THR A 162 -7.71 21.82 -1.94
C THR A 162 -8.92 20.91 -2.26
N GLN A 163 -8.68 19.63 -2.54
CA GLN A 163 -9.73 18.69 -3.04
C GLN A 163 -10.15 18.91 -4.50
N ARG A 164 -9.47 19.82 -5.17
CA ARG A 164 -9.83 20.15 -6.54
C ARG A 164 -9.50 18.91 -7.36
N GLY A 165 -10.50 18.41 -8.06
CA GLY A 165 -10.33 17.27 -8.97
C GLY A 165 -10.23 15.91 -8.30
N LEU A 166 -10.32 15.87 -6.97
CA LEU A 166 -9.95 14.67 -6.24
C LEU A 166 -11.05 13.63 -6.36
N LYS A 167 -12.28 13.98 -6.00
CA LYS A 167 -13.45 13.10 -6.11
C LYS A 167 -13.62 12.58 -7.52
N THR A 168 -13.36 13.44 -8.52
CA THR A 168 -13.42 13.07 -9.96
C THR A 168 -12.45 11.97 -10.32
N VAL A 169 -11.22 12.03 -9.83
CA VAL A 169 -10.25 10.92 -10.03
C VAL A 169 -10.88 9.54 -9.77
N PHE A 170 -11.54 9.41 -8.62
CA PHE A 170 -12.07 8.12 -8.17
C PHE A 170 -13.40 7.77 -8.86
N ASP A 171 -14.20 8.77 -9.14
CA ASP A 171 -15.37 8.59 -9.99
C ASP A 171 -15.01 7.98 -11.33
N GLU A 172 -13.99 8.54 -11.95
CA GLU A 172 -13.53 8.10 -13.25
C GLU A 172 -12.84 6.75 -13.19
N ALA A 173 -12.17 6.42 -12.08
CA ALA A 173 -11.61 5.08 -11.88
C ALA A 173 -12.74 4.03 -11.95
N ILE A 174 -13.85 4.33 -11.30
CA ILE A 174 -14.98 3.44 -11.26
C ILE A 174 -15.62 3.40 -12.67
N ARG A 175 -15.86 4.56 -13.29
CA ARG A 175 -16.39 4.57 -14.65
C ARG A 175 -15.55 3.78 -15.60
N ALA A 176 -14.24 3.75 -15.40
CA ALA A 176 -13.39 2.97 -16.32
C ALA A 176 -13.62 1.47 -16.24
N VAL A 177 -14.27 0.99 -15.17
CA VAL A 177 -14.51 -0.43 -14.94
C VAL A 177 -15.96 -0.82 -15.35
N LEU A 178 -16.93 0.08 -15.19
CA LEU A 178 -18.34 -0.22 -15.41
C LEU A 178 -18.76 -0.45 -16.87
N ARG B 3 6.42 17.08 19.32
CA ARG B 3 5.05 16.85 18.77
C ARG B 3 5.09 15.92 17.52
N LYS B 4 5.97 16.16 16.54
CA LYS B 4 5.98 15.31 15.34
C LYS B 4 6.40 13.89 15.69
N LYS B 5 7.48 13.75 16.46
CA LYS B 5 7.95 12.42 16.92
C LYS B 5 6.87 11.69 17.71
N GLU B 6 6.04 12.42 18.43
CA GLU B 6 4.94 11.79 19.13
C GLU B 6 3.83 11.31 18.22
N PHE B 7 3.54 12.05 17.15
CA PHE B 7 2.47 11.66 16.20
C PHE B 7 2.98 10.41 15.50
N ILE B 8 4.27 10.36 15.13
CA ILE B 8 4.75 9.20 14.38
C ILE B 8 4.72 7.93 15.26
N MET B 9 5.17 8.07 16.53
CA MET B 9 5.14 6.97 17.44
C MET B 9 3.72 6.48 17.67
N ALA B 10 2.79 7.40 17.85
CA ALA B 10 1.42 7.02 18.02
C ALA B 10 0.89 6.18 16.84
N GLU B 11 1.30 6.55 15.64
CA GLU B 11 0.83 5.91 14.43
C GLU B 11 1.46 4.54 14.35
N LEU B 12 2.74 4.49 14.69
CA LEU B 12 3.44 3.22 14.80
C LEU B 12 2.71 2.21 15.62
N LEU B 13 2.36 2.61 16.82
CA LEU B 13 1.62 1.80 17.75
C LEU B 13 0.20 1.52 17.27
N GLN B 14 -0.53 2.55 16.83
CA GLN B 14 -1.90 2.32 16.38
C GLN B 14 -1.94 1.38 15.17
N THR B 15 -1.08 1.58 14.24
CA THR B 15 -1.06 0.68 13.09
C THR B 15 -0.53 -0.76 13.40
N GLU B 16 0.36 -0.87 14.40
CA GLU B 16 0.77 -2.18 14.88
C GLU B 16 -0.43 -2.86 15.47
N LYS B 17 -1.26 -2.17 16.26
CA LYS B 17 -2.42 -2.81 16.80
C LYS B 17 -3.37 -3.30 15.73
N ALA B 18 -3.52 -2.51 14.69
CA ALA B 18 -4.43 -2.88 13.60
C ALA B 18 -3.87 -4.05 12.81
N TYR B 19 -2.57 -4.06 12.60
CA TYR B 19 -1.94 -5.17 11.93
C TYR B 19 -2.17 -6.48 12.72
N VAL B 20 -2.03 -6.44 14.03
CA VAL B 20 -2.26 -7.61 14.85
C VAL B 20 -3.72 -8.07 14.75
N ARG B 21 -4.65 -7.15 14.94
CA ARG B 21 -6.05 -7.42 14.71
C ARG B 21 -6.35 -8.02 13.32
N ASP B 22 -5.74 -7.45 12.27
CA ASP B 22 -5.94 -7.90 10.90
C ASP B 22 -5.43 -9.35 10.70
N LEU B 23 -4.22 -9.68 11.13
CA LEU B 23 -3.74 -11.04 10.99
C LEU B 23 -4.63 -11.98 11.79
N HIS B 24 -5.01 -11.57 12.99
CA HIS B 24 -5.87 -12.40 13.84
C HIS B 24 -7.21 -12.71 13.19
N GLU B 25 -7.74 -11.77 12.44
CA GLU B 25 -9.03 -11.95 11.76
C GLU B 25 -8.84 -12.90 10.60
N CYS B 26 -7.83 -12.68 9.83
CA CYS B 26 -7.49 -13.61 8.79
C CYS B 26 -7.36 -15.09 9.29
N LEU B 27 -6.71 -15.29 10.42
CA LEU B 27 -6.41 -16.64 10.92
C LEU B 27 -7.69 -17.29 11.41
N GLU B 28 -8.56 -16.51 12.07
CA GLU B 28 -9.75 -17.06 12.65
C GLU B 28 -10.99 -17.07 11.77
N THR B 29 -10.87 -16.64 10.51
CA THR B 29 -11.97 -16.73 9.59
C THR B 29 -11.49 -17.53 8.42
N TYR B 30 -10.71 -16.93 7.55
CA TYR B 30 -10.35 -17.65 6.36
C TYR B 30 -9.62 -18.94 6.64
N LEU B 31 -8.69 -18.93 7.60
CA LEU B 31 -7.87 -20.11 7.88
C LEU B 31 -8.68 -21.12 8.68
N TRP B 32 -9.44 -20.64 9.65
CA TRP B 32 -10.16 -21.53 10.52
C TRP B 32 -11.23 -22.36 9.74
N GLU B 33 -11.76 -21.83 8.65
CA GLU B 33 -12.73 -22.56 7.87
C GLU B 33 -12.06 -23.71 7.15
N MET B 34 -10.82 -23.55 6.72
CA MET B 34 -10.07 -24.63 6.10
C MET B 34 -9.67 -25.73 7.07
N THR B 35 -9.34 -25.36 8.29
CA THR B 35 -8.85 -26.31 9.25
C THR B 35 -9.94 -26.83 10.17
N SER B 36 -11.07 -26.15 10.20
CA SER B 36 -12.11 -26.38 11.18
C SER B 36 -12.57 -27.81 11.03
N GLY B 37 -13.08 -28.11 9.84
CA GLY B 37 -13.95 -29.24 9.55
C GLY B 37 -15.43 -28.86 9.67
N VAL B 38 -15.82 -27.66 9.20
CA VAL B 38 -17.25 -27.24 9.23
C VAL B 38 -17.88 -27.08 7.81
N GLU B 39 -17.08 -27.08 6.74
CA GLU B 39 -17.53 -26.59 5.42
C GLU B 39 -16.83 -27.34 4.24
N GLU B 40 -17.34 -27.20 3.02
CA GLU B 40 -16.86 -27.98 1.84
C GLU B 40 -15.60 -27.45 1.17
N ILE B 41 -14.46 -28.11 1.39
CA ILE B 41 -13.17 -27.63 0.91
C ILE B 41 -12.81 -28.14 -0.50
N PRO B 42 -12.75 -27.25 -1.50
CA PRO B 42 -12.34 -27.67 -2.84
C PRO B 42 -11.13 -28.61 -2.90
N PRO B 43 -11.23 -29.69 -3.67
CA PRO B 43 -10.06 -30.56 -3.81
C PRO B 43 -8.82 -29.83 -4.31
N GLY B 44 -9.01 -28.78 -5.11
CA GLY B 44 -7.92 -27.95 -5.60
C GLY B 44 -6.99 -27.34 -4.54
N ILE B 45 -7.56 -27.09 -3.35
CA ILE B 45 -6.79 -26.49 -2.21
C ILE B 45 -6.63 -27.33 -0.94
N LEU B 46 -7.29 -28.49 -0.91
CA LEU B 46 -7.37 -29.33 0.28
C LEU B 46 -5.97 -29.57 0.79
N ASN B 47 -5.81 -29.44 2.11
CA ASN B 47 -4.54 -29.65 2.79
C ASN B 47 -3.45 -28.80 2.19
N LYS B 48 -3.79 -27.64 1.60
CA LYS B 48 -2.78 -26.72 1.07
C LYS B 48 -2.88 -25.32 1.73
N GLU B 49 -3.46 -25.28 2.94
CA GLU B 49 -3.43 -24.08 3.78
C GLU B 49 -2.02 -23.59 4.03
N HIS B 50 -1.04 -24.48 4.11
CA HIS B 50 0.35 -24.05 4.12
C HIS B 50 0.81 -23.21 2.92
N ILE B 51 0.27 -23.49 1.73
CA ILE B 51 0.65 -22.69 0.56
C ILE B 51 -0.11 -21.38 0.57
N ILE B 52 -1.39 -21.43 0.92
CA ILE B 52 -2.22 -20.28 0.89
C ILE B 52 -1.74 -19.23 1.90
N PHE B 53 -1.61 -19.62 3.15
CA PHE B 53 -1.33 -18.68 4.22
C PHE B 53 0.12 -18.56 4.52
N GLY B 54 0.97 -19.33 3.82
CA GLY B 54 2.41 -19.32 4.08
C GLY B 54 2.70 -19.41 5.58
N ASN B 55 3.67 -18.65 6.06
CA ASN B 55 3.98 -18.65 7.50
C ASN B 55 3.30 -17.55 8.29
N ILE B 56 2.06 -17.21 7.96
CA ILE B 56 1.42 -16.03 8.54
C ILE B 56 1.08 -16.25 10.01
N GLN B 57 0.87 -17.51 10.40
CA GLN B 57 0.70 -17.84 11.81
C GLN B 57 1.88 -17.35 12.63
N GLU B 58 3.07 -17.61 12.15
CA GLU B 58 4.26 -17.38 12.88
C GLU B 58 4.55 -15.87 12.93
N ILE B 59 4.20 -15.16 11.85
CA ILE B 59 4.29 -13.72 11.82
C ILE B 59 3.37 -13.10 12.83
N TYR B 60 2.12 -13.55 12.86
CA TYR B 60 1.19 -13.12 13.86
C TYR B 60 1.67 -13.39 15.28
N ASP B 61 2.23 -14.58 15.52
CA ASP B 61 2.66 -14.89 16.88
C ASP B 61 3.77 -13.96 17.35
N PHE B 62 4.74 -13.69 16.50
CA PHE B 62 5.77 -12.69 16.74
C PHE B 62 5.19 -11.33 17.17
N HIS B 63 4.28 -10.82 16.37
CA HIS B 63 3.69 -9.52 16.64
C HIS B 63 2.79 -9.50 17.83
N ASN B 64 2.01 -10.55 17.98
CA ASN B 64 1.00 -10.59 19.00
C ASN B 64 1.65 -10.97 20.34
N ASN B 65 2.71 -11.80 20.33
CA ASN B 65 3.33 -12.27 21.61
C ASN B 65 4.45 -11.35 22.07
N ILE B 66 5.22 -10.86 21.12
CA ILE B 66 6.40 -10.07 21.37
C ILE B 66 6.40 -8.61 20.86
N PHE B 67 6.25 -8.41 19.53
CA PHE B 67 6.69 -7.11 18.98
C PHE B 67 5.83 -5.95 19.43
N LEU B 68 4.52 -6.16 19.50
CA LEU B 68 3.62 -5.13 19.93
C LEU B 68 3.86 -4.77 21.39
N LYS B 69 4.05 -5.75 22.27
CA LYS B 69 4.40 -5.46 23.70
C LYS B 69 5.71 -4.68 23.81
N GLU B 70 6.70 -4.99 23.02
CA GLU B 70 7.94 -4.22 23.10
C GLU B 70 7.82 -2.79 22.51
N LEU B 71 7.11 -2.65 21.38
CA LEU B 71 6.94 -1.33 20.78
C LEU B 71 6.22 -0.46 21.83
N GLU B 72 5.28 -1.03 22.51
CA GLU B 72 4.58 -0.27 23.52
C GLU B 72 5.45 0.27 24.61
N LYS B 73 6.52 -0.44 24.93
CA LYS B 73 7.43 -0.01 25.97
C LYS B 73 8.28 1.20 25.51
N TYR B 74 8.48 1.33 24.21
CA TYR B 74 9.12 2.48 23.63
C TYR B 74 8.20 3.68 23.36
N GLU B 75 6.97 3.70 23.89
CA GLU B 75 6.01 4.72 23.51
C GLU B 75 6.54 6.10 23.85
N GLN B 76 7.05 6.27 25.07
CA GLN B 76 7.62 7.53 25.50
C GLN B 76 9.10 7.67 25.14
N LEU B 77 9.62 6.78 24.31
CA LEU B 77 11.00 6.82 23.91
C LEU B 77 11.13 6.75 22.43
N PRO B 78 10.39 7.58 21.70
CA PRO B 78 10.47 7.46 20.20
C PRO B 78 11.88 7.49 19.61
N GLU B 79 12.77 8.28 20.18
CA GLU B 79 14.15 8.38 19.64
C GLU B 79 15.00 7.12 19.75
N ASP B 80 14.57 6.23 20.65
CA ASP B 80 15.21 4.93 20.85
C ASP B 80 14.57 3.76 20.10
N VAL B 81 13.48 3.97 19.35
CA VAL B 81 12.67 2.82 18.91
C VAL B 81 13.38 2.04 17.85
N GLY B 82 14.37 2.61 17.24
CA GLY B 82 15.17 1.87 16.27
C GLY B 82 15.77 0.60 16.87
N HIS B 83 16.06 0.66 18.19
CA HIS B 83 16.65 -0.45 18.90
C HIS B 83 15.70 -1.65 18.97
N CYS B 84 14.39 -1.40 19.01
CA CYS B 84 13.41 -2.48 18.98
C CYS B 84 13.59 -3.33 17.77
N PHE B 85 13.83 -2.68 16.64
CA PHE B 85 14.01 -3.40 15.38
C PHE B 85 15.35 -4.15 15.35
N VAL B 86 16.36 -3.56 15.96
CA VAL B 86 17.64 -4.24 16.11
C VAL B 86 17.51 -5.48 16.97
N THR B 87 16.94 -5.35 18.15
CA THR B 87 16.71 -6.47 19.03
C THR B 87 16.02 -7.64 18.32
N TRP B 88 14.99 -7.34 17.53
CA TRP B 88 14.12 -8.39 17.00
C TRP B 88 14.41 -8.67 15.54
N ALA B 89 15.57 -8.25 15.06
CA ALA B 89 15.84 -8.34 13.63
C ALA B 89 15.70 -9.74 13.06
N ASP B 90 16.11 -10.73 13.83
CA ASP B 90 16.06 -12.09 13.35
C ASP B 90 14.65 -12.55 13.06
N LYS B 91 13.69 -12.15 13.89
CA LYS B 91 12.28 -12.52 13.68
C LYS B 91 11.75 -12.01 12.36
N PHE B 92 12.18 -10.83 11.94
CA PHE B 92 11.72 -10.28 10.64
C PHE B 92 12.12 -11.09 9.44
N GLN B 93 13.08 -12.01 9.61
CA GLN B 93 13.48 -12.88 8.52
C GLN B 93 12.36 -13.73 7.99
N MET B 94 11.33 -13.95 8.79
CA MET B 94 10.17 -14.68 8.34
C MET B 94 9.31 -13.99 7.28
N TYR B 95 9.46 -12.69 7.15
CA TYR B 95 8.82 -11.99 6.03
C TYR B 95 9.49 -12.38 4.73
N VAL B 96 10.74 -12.81 4.77
CA VAL B 96 11.43 -13.27 3.55
C VAL B 96 10.74 -14.54 3.06
N THR B 97 10.51 -15.47 3.96
CA THR B 97 9.74 -16.69 3.62
C THR B 97 8.36 -16.37 3.08
N TYR B 98 7.70 -15.42 3.71
CA TYR B 98 6.29 -15.09 3.41
C TYR B 98 6.16 -14.55 1.99
N CYS B 99 7.06 -13.62 1.68
CA CYS B 99 7.10 -12.95 0.36
C CYS B 99 7.39 -13.95 -0.75
N LYS B 100 8.42 -14.76 -0.58
CA LYS B 100 8.72 -15.91 -1.49
C LYS B 100 7.49 -16.68 -1.85
N ASN B 101 6.68 -17.05 -0.86
CA ASN B 101 5.54 -17.91 -1.06
C ASN B 101 4.33 -17.25 -1.71
N LYS B 102 4.26 -15.92 -1.64
CA LYS B 102 3.01 -15.19 -1.90
C LYS B 102 2.46 -15.40 -3.30
N PRO B 103 3.32 -15.43 -4.34
CA PRO B 103 2.80 -15.71 -5.71
C PRO B 103 2.14 -17.11 -5.86
N ASP B 104 2.85 -18.14 -5.38
CA ASP B 104 2.24 -19.48 -5.25
C ASP B 104 0.90 -19.40 -4.53
N SER B 105 0.82 -18.61 -3.44
CA SER B 105 -0.44 -18.46 -2.73
C SER B 105 -1.51 -17.92 -3.61
N ASN B 106 -1.17 -16.88 -4.36
CA ASN B 106 -2.20 -16.16 -5.11
C ASN B 106 -2.73 -17.04 -6.28
N GLN B 107 -1.85 -17.70 -6.99
CA GLN B 107 -2.25 -18.59 -8.10
C GLN B 107 -3.11 -19.75 -7.60
N LEU B 108 -2.65 -20.41 -6.53
CA LEU B 108 -3.43 -21.42 -5.87
C LEU B 108 -4.83 -20.97 -5.56
N ILE B 109 -5.00 -19.78 -4.98
CA ILE B 109 -6.37 -19.27 -4.71
C ILE B 109 -7.13 -19.00 -6.00
N LEU B 110 -6.42 -18.46 -6.99
CA LEU B 110 -7.02 -18.17 -8.29
C LEU B 110 -7.50 -19.42 -8.98
N GLU B 111 -6.54 -20.28 -9.32
CA GLU B 111 -6.78 -21.48 -10.13
C GLU B 111 -7.60 -22.56 -9.48
N HIS B 112 -7.70 -22.58 -8.15
CA HIS B 112 -8.24 -23.78 -7.47
C HIS B 112 -9.22 -23.59 -6.34
N ALA B 113 -9.60 -22.36 -6.03
CA ALA B 113 -10.41 -22.13 -4.86
C ALA B 113 -11.77 -21.66 -5.19
N GLY B 114 -11.99 -21.36 -6.48
CA GLY B 114 -13.26 -20.83 -6.96
C GLY B 114 -13.68 -19.74 -6.03
N THR B 115 -14.83 -19.88 -5.40
CA THR B 115 -15.32 -18.84 -4.51
C THR B 115 -15.35 -19.32 -3.08
N PHE B 116 -14.48 -20.27 -2.70
CA PHE B 116 -14.54 -20.81 -1.34
C PHE B 116 -14.40 -19.64 -0.36
N PHE B 117 -13.32 -18.90 -0.52
CA PHE B 117 -13.00 -17.74 0.34
C PHE B 117 -13.96 -16.56 0.21
N ASP B 118 -14.48 -16.30 -1.00
CA ASP B 118 -15.55 -15.28 -1.13
C ASP B 118 -16.81 -15.65 -0.37
N GLU B 119 -17.20 -16.92 -0.47
CA GLU B 119 -18.29 -17.44 0.34
C GLU B 119 -18.01 -17.13 1.82
N ILE B 120 -16.80 -17.45 2.30
CA ILE B 120 -16.46 -17.16 3.73
C ILE B 120 -16.56 -15.67 4.03
N GLN B 121 -16.03 -14.85 3.14
CA GLN B 121 -16.07 -13.40 3.37
C GLN B 121 -17.49 -12.85 3.53
N GLN B 122 -18.38 -13.23 2.60
CA GLN B 122 -19.78 -12.84 2.68
C GLN B 122 -20.37 -13.31 4.02
N ARG B 123 -20.17 -14.59 4.33
CA ARG B 123 -20.71 -15.20 5.56
C ARG B 123 -20.28 -14.44 6.84
N HIS B 124 -18.99 -14.11 6.96
CA HIS B 124 -18.51 -13.38 8.16
C HIS B 124 -18.73 -11.86 8.10
N GLY B 125 -19.09 -11.32 6.94
CA GLY B 125 -19.35 -9.86 6.82
C GLY B 125 -18.09 -9.01 6.72
N LEU B 126 -17.05 -9.54 6.09
CA LEU B 126 -15.76 -8.87 6.07
C LEU B 126 -15.60 -7.91 4.88
N ALA B 127 -15.27 -6.65 5.20
CA ALA B 127 -14.79 -5.68 4.21
C ALA B 127 -13.59 -6.18 3.40
N ASN B 128 -12.65 -6.88 4.03
CA ASN B 128 -11.44 -7.31 3.35
C ASN B 128 -11.53 -8.76 2.92
N SER B 129 -11.06 -9.01 1.72
CA SER B 129 -11.05 -10.28 1.12
C SER B 129 -9.87 -11.00 1.61
N ILE B 130 -9.83 -12.28 1.33
CA ILE B 130 -8.67 -13.04 1.70
C ILE B 130 -7.44 -12.42 1.08
N SER B 131 -7.49 -12.02 -0.19
CA SER B 131 -6.32 -11.38 -0.84
C SER B 131 -5.84 -10.08 -0.15
N SER B 132 -6.78 -9.30 0.30
CA SER B 132 -6.54 -8.04 1.00
C SER B 132 -5.77 -8.35 2.31
N TYR B 133 -6.24 -9.33 3.05
CA TYR B 133 -5.52 -9.75 4.24
C TYR B 133 -4.16 -10.28 3.90
N LEU B 134 -4.04 -11.10 2.87
CA LEU B 134 -2.73 -11.72 2.59
C LEU B 134 -1.65 -10.83 2.01
N ILE B 135 -2.02 -9.66 1.47
CA ILE B 135 -0.99 -8.69 1.08
C ILE B 135 -0.42 -7.91 2.28
N LYS B 136 -1.16 -7.89 3.36
CA LYS B 136 -0.81 -7.06 4.53
C LYS B 136 0.59 -7.27 5.10
N PRO B 137 1.07 -8.53 5.14
CA PRO B 137 2.43 -8.62 5.65
C PRO B 137 3.43 -7.96 4.74
N VAL B 138 3.15 -7.98 3.45
CA VAL B 138 4.02 -7.37 2.49
C VAL B 138 3.95 -5.84 2.66
N GLN B 139 2.78 -5.30 2.91
CA GLN B 139 2.62 -3.87 3.19
C GLN B 139 3.37 -3.45 4.49
N ARG B 140 3.14 -4.21 5.56
CA ARG B 140 3.62 -3.84 6.88
C ARG B 140 5.12 -3.83 6.87
N VAL B 141 5.75 -4.77 6.19
CA VAL B 141 7.19 -4.93 6.30
C VAL B 141 7.95 -3.86 5.54
N THR B 142 7.24 -3.17 4.65
CA THR B 142 7.82 -2.06 3.90
C THR B 142 7.42 -0.72 4.44
N LYS B 143 6.57 -0.72 5.44
CA LYS B 143 6.10 0.48 6.08
C LYS B 143 6.95 0.89 7.27
N TYR B 144 7.46 -0.07 8.02
CA TYR B 144 8.34 0.31 9.14
C TYR B 144 9.47 1.28 8.75
N GLN B 145 10.18 0.98 7.68
CA GLN B 145 11.22 1.90 7.19
C GLN B 145 10.70 3.34 6.93
N LEU B 146 9.45 3.50 6.47
CA LEU B 146 8.90 4.91 6.29
C LEU B 146 8.68 5.64 7.63
N LEU B 147 8.12 4.92 8.60
CA LEU B 147 8.02 5.44 9.96
C LEU B 147 9.38 5.78 10.54
N LEU B 148 10.42 4.97 10.34
CA LEU B 148 11.74 5.28 10.91
C LEU B 148 12.36 6.50 10.21
N LYS B 149 12.23 6.57 8.89
CA LYS B 149 12.61 7.80 8.17
C LYS B 149 11.90 9.06 8.67
N GLU B 150 10.60 9.00 8.88
CA GLU B 150 9.96 10.13 9.51
C GLU B 150 10.54 10.53 10.87
N LEU B 151 10.78 9.54 11.75
CA LEU B 151 11.47 9.84 13.02
C LEU B 151 12.84 10.48 12.82
N LEU B 152 13.59 10.02 11.83
CA LEU B 152 14.87 10.65 11.54
C LEU B 152 14.77 12.12 11.16
N THR B 153 13.66 12.56 10.59
CA THR B 153 13.58 13.96 10.25
C THR B 153 13.31 14.86 11.44
N CYS B 154 13.04 14.31 12.62
CA CYS B 154 12.61 15.14 13.74
C CYS B 154 13.18 14.70 15.15
N CYS B 155 14.26 13.93 15.15
CA CYS B 155 14.96 13.45 16.36
C CYS B 155 16.45 13.85 16.23
N GLU B 156 17.09 14.33 17.32
CA GLU B 156 18.50 14.86 17.30
C GLU B 156 19.60 13.82 17.00
N GLU B 157 20.87 14.23 17.10
CA GLU B 157 22.02 13.29 17.03
C GLU B 157 22.04 12.12 18.09
N GLY B 158 21.15 12.14 19.12
CA GLY B 158 20.74 10.92 19.83
C GLY B 158 19.81 10.12 18.91
N LYS B 159 20.38 9.60 17.82
CA LYS B 159 19.61 8.99 16.72
C LYS B 159 20.44 8.10 15.74
N GLY B 160 21.47 7.40 16.25
CA GLY B 160 21.93 6.11 15.70
C GLY B 160 21.11 4.97 16.31
N GLU B 161 20.33 5.28 17.36
CA GLU B 161 19.16 4.49 17.80
C GLU B 161 17.89 4.65 16.94
N LEU B 162 18.06 5.18 15.72
CA LEU B 162 17.09 5.15 14.66
C LEU B 162 17.74 4.60 13.44
N LYS B 163 18.93 5.12 13.06
CA LYS B 163 19.73 4.65 11.91
C LYS B 163 19.98 3.13 11.76
N ASP B 164 20.36 2.50 12.85
CA ASP B 164 20.59 1.06 12.85
C ASP B 164 19.27 0.29 12.70
N GLY B 165 18.22 0.83 13.32
CA GLY B 165 16.89 0.26 13.18
C GLY B 165 16.42 0.30 11.73
N LEU B 166 16.61 1.46 11.11
CA LEU B 166 16.26 1.69 9.75
C LEU B 166 17.05 0.79 8.83
N GLU B 167 18.37 0.75 9.03
CA GLU B 167 19.24 -0.21 8.32
C GLU B 167 18.61 -1.59 8.25
N VAL B 168 18.29 -2.13 9.43
CA VAL B 168 17.64 -3.46 9.57
C VAL B 168 16.36 -3.50 8.76
N MET B 169 15.53 -2.45 8.93
CA MET B 169 14.22 -2.38 8.24
C MET B 169 14.26 -2.00 6.73
N LEU B 170 15.45 -1.72 6.23
CA LEU B 170 15.70 -1.61 4.80
C LEU B 170 16.23 -2.91 4.27
N SER B 171 17.01 -3.61 5.09
CA SER B 171 17.63 -4.89 4.71
C SER B 171 16.65 -6.06 4.55
N VAL B 172 15.73 -6.22 5.51
CA VAL B 172 14.65 -7.22 5.49
C VAL B 172 13.80 -7.18 4.20
N PRO B 173 13.16 -6.03 3.89
CA PRO B 173 12.40 -5.95 2.62
C PRO B 173 13.25 -6.15 1.36
N LYS B 174 14.48 -5.62 1.31
CA LYS B 174 15.40 -5.88 0.18
C LYS B 174 15.73 -7.34 0.03
N LYS B 175 15.93 -8.01 1.17
CA LYS B 175 16.24 -9.43 1.16
C LYS B 175 15.04 -10.24 0.77
N ALA B 176 13.84 -9.82 1.19
CA ALA B 176 12.60 -10.43 0.72
C ALA B 176 12.43 -10.20 -0.78
N ASN B 177 12.71 -8.98 -1.24
CA ASN B 177 12.61 -8.60 -2.63
C ASN B 177 13.56 -9.47 -3.44
N ASP B 178 14.80 -9.56 -2.98
CA ASP B 178 15.88 -10.28 -3.69
C ASP B 178 15.65 -11.77 -3.68
N ALA B 179 14.84 -12.28 -2.74
CA ALA B 179 14.43 -13.68 -2.70
C ALA B 179 13.36 -14.12 -3.70
N MET B 180 12.74 -13.19 -4.44
CA MET B 180 11.62 -13.54 -5.32
C MET B 180 12.18 -14.08 -6.65
N HIS B 181 11.44 -15.01 -7.30
CA HIS B 181 11.88 -15.69 -8.54
C HIS B 181 11.39 -15.00 -9.80
#